data_4UMI
#
_entry.id   4UMI
#
_cell.length_a   121.520
_cell.length_b   121.520
_cell.length_c   121.520
_cell.angle_alpha   90.00
_cell.angle_beta   90.00
_cell.angle_gamma   90.00
#
_symmetry.space_group_name_H-M   'F 2 3'
#
loop_
_entity.id
_entity.type
_entity.pdbx_description
1 polymer 'FIBER PROTEIN'
2 water water
#
_entity_poly.entity_id   1
_entity_poly.type   'polypeptide(L)'
_entity_poly.pdbx_seq_one_letter_code
;GSSHHHHHHSSGLVPRGSHMASMTGGQQMGRGSLESYPLPPLVWDYSSKSLTLDIGPGLTVVNGKLQVIGATFSNQMSRM
APAPRADLQSNSIEPLPSPPSKTSLDIAEELQNDKGVSFAFQAREEELGAFTKRTLFAYSGDGLTGPFKAPASAELSSFL
TAHPKGRWLIAFPLGTGIVSVDEGILTLEISRSLPEVGSGSSFYLTEK
;
_entity_poly.pdbx_strand_id   A
#
# COMPACT_ATOMS: atom_id res chain seq x y z
N PRO A 95 -2.87 -31.20 -12.92
CA PRO A 95 -2.92 -31.34 -14.38
C PRO A 95 -2.51 -30.09 -15.18
N LEU A 96 -2.75 -28.89 -14.63
CA LEU A 96 -2.18 -27.65 -15.17
C LEU A 96 -0.94 -27.31 -14.34
N PRO A 97 0.22 -27.17 -15.00
CA PRO A 97 1.48 -26.92 -14.33
C PRO A 97 1.69 -25.46 -13.91
N SER A 98 2.51 -25.28 -12.87
CA SER A 98 2.86 -23.96 -12.38
C SER A 98 4.37 -23.80 -12.39
N PRO A 99 4.83 -22.57 -12.61
CA PRO A 99 6.24 -22.27 -12.36
C PRO A 99 6.50 -22.24 -10.86
N PRO A 100 7.78 -22.17 -10.46
CA PRO A 100 8.05 -22.07 -9.05
C PRO A 100 7.61 -20.70 -8.52
N SER A 101 7.30 -20.59 -7.23
CA SER A 101 6.87 -19.32 -6.63
C SER A 101 7.39 -19.24 -5.22
N LYS A 102 7.51 -18.02 -4.72
CA LYS A 102 7.80 -17.81 -3.32
C LYS A 102 7.35 -16.43 -2.92
N THR A 103 7.18 -16.24 -1.63
CA THR A 103 6.99 -14.91 -1.03
C THR A 103 8.33 -14.36 -0.61
N SER A 104 8.78 -13.28 -1.26
CA SER A 104 10.10 -12.73 -1.04
C SER A 104 10.10 -11.55 -0.06
N LEU A 105 8.92 -11.03 0.27
CA LEU A 105 8.77 -9.95 1.26
C LEU A 105 7.39 -10.03 1.85
N ASP A 106 7.28 -9.86 3.16
CA ASP A 106 5.98 -9.69 3.80
C ASP A 106 6.17 -8.94 5.09
N ILE A 107 5.84 -7.64 5.10
CA ILE A 107 6.07 -6.76 6.25
C ILE A 107 4.79 -5.97 6.54
N ALA A 108 4.64 -5.49 7.75
CA ALA A 108 3.53 -4.65 8.13
C ALA A 108 3.99 -3.57 9.06
N GLU A 109 3.26 -2.46 9.08
CA GLU A 109 3.68 -1.29 9.86
C GLU A 109 2.44 -0.48 10.21
N GLU A 110 2.42 0.15 11.37
CA GLU A 110 1.35 1.00 11.82
C GLU A 110 1.82 2.45 11.71
N LEU A 111 1.01 3.28 11.06
CA LEU A 111 1.29 4.71 10.90
C LEU A 111 0.19 5.52 11.58
N GLN A 112 0.58 6.67 12.13
CA GLN A 112 -0.39 7.50 12.79
C GLN A 112 -0.09 8.95 12.44
N ASN A 113 -1.14 9.72 12.17
CA ASN A 113 -0.96 11.14 11.84
C ASN A 113 -1.04 11.98 13.10
N ASP A 114 -0.90 13.29 12.93
CA ASP A 114 -0.90 14.18 14.09
C ASP A 114 -2.25 14.24 14.82
N LYS A 115 -3.32 13.88 14.13
CA LYS A 115 -4.68 13.90 14.70
C LYS A 115 -5.14 12.60 15.35
N GLY A 116 -4.28 11.58 15.38
CA GLY A 116 -4.63 10.32 16.03
C GLY A 116 -5.28 9.28 15.14
N VAL A 117 -5.44 9.57 13.86
CA VAL A 117 -5.90 8.53 12.92
C VAL A 117 -4.77 7.55 12.73
N SER A 118 -5.08 6.27 12.68
CA SER A 118 -4.07 5.25 12.50
C SER A 118 -4.43 4.31 11.37
N PHE A 119 -3.41 3.95 10.62
CA PHE A 119 -3.48 2.97 9.54
C PHE A 119 -2.52 1.83 9.79
N ALA A 120 -2.88 0.62 9.36
CA ALA A 120 -1.94 -0.45 9.21
C ALA A 120 -1.77 -0.71 7.75
N PHE A 121 -0.52 -0.82 7.33
CA PHE A 121 -0.15 -1.15 5.97
C PHE A 121 0.61 -2.48 5.98
N GLN A 122 0.40 -3.31 4.99
CA GLN A 122 1.17 -4.52 4.74
C GLN A 122 1.72 -4.45 3.34
N ALA A 123 3.01 -4.79 3.21
CA ALA A 123 3.67 -4.81 1.92
C ALA A 123 4.15 -6.24 1.65
N ARG A 124 3.71 -6.80 0.53
CA ARG A 124 3.99 -8.18 0.18
C ARG A 124 4.59 -8.24 -1.21
N GLU A 125 5.61 -9.08 -1.40
CA GLU A 125 6.14 -9.37 -2.72
C GLU A 125 6.06 -10.87 -2.93
N GLU A 126 5.47 -11.26 -4.07
CA GLU A 126 5.44 -12.66 -4.53
C GLU A 126 6.25 -12.72 -5.81
N GLU A 127 7.03 -13.77 -5.99
CA GLU A 127 7.67 -14.03 -7.25
C GLU A 127 7.08 -15.31 -7.78
N LEU A 128 6.74 -15.35 -9.06
CA LEU A 128 6.19 -16.60 -9.66
C LEU A 128 6.71 -16.65 -11.08
N GLY A 129 7.52 -17.65 -11.36
CA GLY A 129 8.11 -17.72 -12.68
C GLY A 129 8.86 -16.46 -13.02
N ALA A 130 8.56 -15.91 -14.19
CA ALA A 130 9.17 -14.68 -14.66
C ALA A 130 8.65 -13.42 -13.95
N PHE A 131 7.56 -13.54 -13.18
CA PHE A 131 6.81 -12.39 -12.69
C PHE A 131 7.10 -12.06 -11.26
N THR A 132 6.94 -10.77 -10.96
CA THR A 132 6.92 -10.30 -9.59
C THR A 132 5.64 -9.54 -9.37
N LYS A 133 4.98 -9.81 -8.25
CA LYS A 133 3.77 -9.10 -7.84
C LYS A 133 4.07 -8.40 -6.52
N ARG A 134 3.84 -7.11 -6.44
CA ARG A 134 3.98 -6.34 -5.21
C ARG A 134 2.62 -5.82 -4.82
N THR A 135 2.16 -6.15 -3.63
CA THR A 135 0.85 -5.76 -3.13
C THR A 135 0.96 -4.93 -1.86
N LEU A 136 0.25 -3.81 -1.86
CA LEU A 136 0.06 -2.98 -0.69
C LEU A 136 -1.35 -3.23 -0.14
N PHE A 137 -1.46 -3.62 1.12
CA PHE A 137 -2.71 -3.76 1.82
C PHE A 137 -2.80 -2.62 2.81
N ALA A 138 -3.99 -2.02 2.91
CA ALA A 138 -4.20 -0.90 3.82
C ALA A 138 -5.49 -1.09 4.61
N TYR A 139 -5.45 -0.76 5.89
CA TYR A 139 -6.64 -0.85 6.74
C TYR A 139 -6.65 0.28 7.75
N SER A 140 -7.82 0.90 7.97
CA SER A 140 -7.99 1.73 9.14
C SER A 140 -9.41 1.52 9.67
N GLY A 141 -9.56 1.55 10.98
CA GLY A 141 -10.87 1.54 11.59
C GLY A 141 -11.49 2.94 11.62
N ASP A 142 -10.68 3.94 11.45
CA ASP A 142 -11.08 5.31 11.56
C ASP A 142 -11.78 5.81 10.32
N GLY A 143 -12.50 6.89 10.48
CA GLY A 143 -12.90 7.69 9.35
C GLY A 143 -11.75 8.59 8.96
N LEU A 144 -11.85 9.10 7.76
CA LEU A 144 -10.81 9.97 7.28
C LEU A 144 -11.49 11.14 6.64
N THR A 145 -11.14 12.34 7.15
CA THR A 145 -11.76 13.61 6.77
C THR A 145 -10.86 14.46 5.82
N GLY A 146 -9.71 13.92 5.44
CA GLY A 146 -8.77 14.61 4.56
C GLY A 146 -7.61 13.66 4.34
N PRO A 147 -6.59 14.08 3.58
CA PRO A 147 -5.46 13.20 3.30
C PRO A 147 -4.77 12.73 4.57
N PHE A 148 -4.31 11.49 4.56
CA PHE A 148 -3.57 10.91 5.66
C PHE A 148 -2.08 11.01 5.37
N LYS A 149 -1.32 11.66 6.26
CA LYS A 149 0.09 11.83 6.11
C LYS A 149 0.80 11.39 7.37
N ALA A 150 1.83 10.57 7.20
CA ALA A 150 2.58 10.08 8.35
C ALA A 150 3.93 9.53 7.92
N PRO A 151 4.93 9.61 8.81
CA PRO A 151 6.22 9.05 8.53
C PRO A 151 6.17 7.55 8.36
N ALA A 152 6.88 7.06 7.34
CA ALA A 152 6.98 5.63 7.06
C ALA A 152 8.43 5.19 7.22
N SER A 153 8.62 3.93 7.57
CA SER A 153 9.98 3.37 7.65
C SER A 153 10.73 3.46 6.32
N ALA A 154 12.06 3.35 6.38
CA ALA A 154 12.83 3.29 5.16
C ALA A 154 12.43 2.10 4.32
N GLU A 155 12.15 0.97 4.96
CA GLU A 155 11.81 -0.24 4.22
C GLU A 155 10.48 -0.09 3.49
N LEU A 156 9.46 0.42 4.20
CA LEU A 156 8.17 0.64 3.54
C LEU A 156 8.29 1.69 2.44
N SER A 157 9.08 2.73 2.70
CA SER A 157 9.27 3.78 1.74
C SER A 157 9.91 3.22 0.48
N SER A 158 10.93 2.35 0.63
CA SER A 158 11.57 1.70 -0.51
CA SER A 158 11.57 1.70 -0.51
C SER A 158 10.55 0.90 -1.33
N PHE A 159 9.73 0.11 -0.65
CA PHE A 159 8.73 -0.71 -1.35
C PHE A 159 7.77 0.20 -2.15
N LEU A 160 7.29 1.26 -1.52
CA LEU A 160 6.30 2.14 -2.14
C LEU A 160 6.87 2.90 -3.34
N THR A 161 8.14 3.30 -3.28
CA THR A 161 8.74 4.12 -4.32
C THR A 161 9.02 3.27 -5.56
N ALA A 162 9.09 1.96 -5.39
CA ALA A 162 9.39 1.06 -6.53
C ALA A 162 8.28 0.99 -7.61
N HIS A 163 7.07 1.44 -7.29
CA HIS A 163 5.96 1.27 -8.20
C HIS A 163 6.27 2.02 -9.48
N PRO A 164 5.92 1.43 -10.62
CA PRO A 164 6.30 2.05 -11.89
C PRO A 164 5.72 3.45 -12.08
N LYS A 165 4.67 3.81 -11.35
CA LYS A 165 4.08 5.15 -11.47
C LYS A 165 4.43 6.05 -10.30
N GLY A 166 5.16 5.52 -9.32
CA GLY A 166 5.48 6.23 -8.10
C GLY A 166 4.29 6.51 -7.20
N ARG A 167 3.17 5.82 -7.45
CA ARG A 167 1.97 5.98 -6.63
C ARG A 167 1.03 4.80 -6.88
N TRP A 168 0.23 4.52 -5.86
CA TRP A 168 -0.61 3.32 -5.77
C TRP A 168 -2.07 3.74 -5.70
N LEU A 169 -2.79 3.42 -6.74
CA LEU A 169 -4.21 3.64 -6.81
C LEU A 169 -4.89 2.52 -6.05
N ILE A 170 -5.74 2.83 -5.08
CA ILE A 170 -6.29 1.87 -4.18
C ILE A 170 -7.78 2.07 -3.97
N ALA A 171 -8.56 1.02 -4.09
CA ALA A 171 -9.97 1.04 -3.84
C ALA A 171 -10.30 0.61 -2.41
N PHE A 172 -11.07 1.45 -1.71
CA PHE A 172 -11.68 1.10 -0.43
C PHE A 172 -13.19 0.97 -0.65
N PRO A 173 -13.93 0.48 0.32
CA PRO A 173 -15.35 0.26 0.02
C PRO A 173 -16.10 1.55 -0.34
N LEU A 174 -15.76 2.66 0.29
CA LEU A 174 -16.52 3.90 0.10
C LEU A 174 -15.81 4.97 -0.73
N GLY A 175 -14.66 4.67 -1.27
CA GLY A 175 -13.99 5.65 -2.13
C GLY A 175 -12.63 5.16 -2.59
N THR A 176 -11.91 6.01 -3.29
CA THR A 176 -10.66 5.65 -3.92
C THR A 176 -9.56 6.48 -3.26
N GLY A 177 -8.38 5.92 -3.22
CA GLY A 177 -7.22 6.65 -2.72
C GLY A 177 -6.02 6.52 -3.62
N ILE A 178 -5.04 7.35 -3.35
CA ILE A 178 -3.74 7.24 -3.97
C ILE A 178 -2.70 7.32 -2.87
N VAL A 179 -1.84 6.29 -2.79
CA VAL A 179 -0.77 6.28 -1.83
C VAL A 179 0.55 6.61 -2.53
N SER A 180 1.32 7.50 -1.93
CA SER A 180 2.66 7.81 -2.44
C SER A 180 3.54 8.14 -1.24
N VAL A 181 4.84 8.19 -1.48
CA VAL A 181 5.77 8.53 -0.42
CA VAL A 181 5.79 8.53 -0.43
C VAL A 181 6.77 9.57 -0.95
N ASP A 182 7.15 10.49 -0.07
CA ASP A 182 8.15 11.51 -0.42
C ASP A 182 8.98 11.78 0.81
N GLU A 183 10.30 11.58 0.68
CA GLU A 183 11.25 11.80 1.77
C GLU A 183 10.77 11.12 3.05
N GLY A 184 10.31 9.88 2.91
CA GLY A 184 9.93 9.08 4.04
C GLY A 184 8.57 9.41 4.65
N ILE A 185 7.79 10.27 4.01
CA ILE A 185 6.44 10.62 4.49
C ILE A 185 5.42 9.99 3.53
N LEU A 186 4.56 9.10 4.05
CA LEU A 186 3.50 8.52 3.25
C LEU A 186 2.33 9.50 3.18
N THR A 187 1.77 9.67 2.00
CA THR A 187 0.53 10.37 1.82
C THR A 187 -0.52 9.45 1.19
N LEU A 188 -1.74 9.45 1.76
CA LEU A 188 -2.87 8.76 1.15
C LEU A 188 -3.87 9.88 0.87
N GLU A 189 -4.05 10.16 -0.40
CA GLU A 189 -5.05 11.15 -0.84
C GLU A 189 -6.34 10.43 -1.14
N ILE A 190 -7.50 11.02 -0.85
CA ILE A 190 -8.77 10.36 -1.00
C ILE A 190 -9.77 11.12 -1.84
N SER A 191 -10.59 10.38 -2.56
CA SER A 191 -11.55 10.93 -3.51
C SER A 191 -12.71 11.63 -2.83
N ARG A 192 -13.01 11.21 -1.64
CA ARG A 192 -14.14 11.70 -0.88
C ARG A 192 -13.83 11.43 0.59
N SER A 193 -14.47 12.14 1.50
CA SER A 193 -14.34 11.85 2.89
C SER A 193 -14.88 10.45 3.14
N LEU A 194 -14.24 9.70 4.02
CA LEU A 194 -14.61 8.29 4.26
C LEU A 194 -15.08 8.13 5.71
N PRO A 195 -16.36 7.83 5.93
CA PRO A 195 -16.79 7.69 7.32
C PRO A 195 -16.21 6.47 7.99
N GLU A 196 -15.92 5.47 7.18
CA GLU A 196 -15.12 4.33 7.58
C GLU A 196 -14.19 4.02 6.41
N VAL A 197 -12.90 3.88 6.68
CA VAL A 197 -11.97 3.56 5.61
C VAL A 197 -12.11 2.10 5.20
N GLY A 198 -12.14 1.20 6.18
CA GLY A 198 -12.15 -0.20 5.89
C GLY A 198 -10.81 -0.66 5.37
N SER A 199 -10.89 -1.57 4.38
CA SER A 199 -9.69 -2.23 3.88
C SER A 199 -9.63 -2.21 2.38
N GLY A 200 -8.43 -2.28 1.84
CA GLY A 200 -8.24 -2.36 0.42
C GLY A 200 -6.84 -2.82 0.06
N SER A 201 -6.62 -3.10 -1.20
CA SER A 201 -5.29 -3.47 -1.65
C SER A 201 -5.04 -2.98 -3.03
N SER A 202 -3.76 -2.79 -3.35
CA SER A 202 -3.33 -2.31 -4.66
C SER A 202 -2.08 -3.10 -5.02
N PHE A 203 -2.02 -3.64 -6.22
CA PHE A 203 -0.83 -4.40 -6.62
C PHE A 203 -0.38 -3.99 -8.00
N TYR A 204 0.88 -4.32 -8.30
CA TYR A 204 1.35 -4.31 -9.67
C TYR A 204 2.08 -5.62 -9.91
N LEU A 205 2.03 -6.06 -11.14
CA LEU A 205 2.49 -7.39 -11.52
C LEU A 205 3.23 -7.17 -12.78
N THR A 206 4.51 -7.56 -12.81
CA THR A 206 5.37 -7.29 -13.93
C THR A 206 6.36 -8.42 -14.17
N GLU A 207 6.83 -8.52 -15.43
CA GLU A 207 7.84 -9.47 -15.88
C GLU A 207 9.22 -8.83 -15.90
N LYS A 208 9.31 -7.54 -15.60
CA LYS A 208 10.61 -6.87 -15.46
C LYS A 208 11.23 -7.20 -14.11
#